data_4CXY
#
_entry.id   4CXY
#
_cell.length_a   141.920
_cell.length_b   141.920
_cell.length_c   83.771
_cell.angle_alpha   90.00
_cell.angle_beta   90.00
_cell.angle_gamma   120.00
#
_symmetry.space_group_name_H-M   'H 3'
#
loop_
_entity.id
_entity.type
_entity.pdbx_description
1 polymer 'ALPHA-KETOGLUTARATE-DEPENDENT DIOXYGENASE FTO'
2 non-polymer '(E)-4-(2-Nicotinoylhydrazinyl)-4-oxobut-2-enoic acid'
3 non-polymer 'NICKEL (II) ION'
4 water water
#
_entity_poly.entity_id   1
_entity_poly.type   'polypeptide(L)'
_entity_poly.pdbx_seq_one_letter_code
;MGSSHHHHHHSSGLVPRGSHMTPKDDEFYQQWQLKYPKLILREASSVSEELHKEVQEAFLTLHKHGCLFRDLVRIQGKDL
LTPVSRILIGNPGCTYKYLNTRLFTVPWPVKGSNIKHTEAEIAAACETFLKLNDYLQIETIQALEELAAKEKANEDAVPL
CMSADFPRVGMGSSYNGQDEVDIKSRAAYNVTLLNFMDPQKMPYLKEEPYFGMGKMAVSWHHDENLVDRSAVAVYSYSCE
GPEEESEDDSHLEGRDPDIWHVGFKISWDIETPGLAIPLHQGDCYFMLDDLNATHQHCVLAGSQPRFSSTHRVAECSTGT
LDYILQRCQLALQNVCDDVDNDDVSLKSFEPAVLKQGEEIHNEVEFEWLRQFWFQGNRYRKCTDWWCQPMAQLEALWKKM
EGVTNAVLHEVKREGLPVEQRNEILTAILASLTARQNLRREWHARCQSRIARTLPADQKPECRPYWEKDDASMPLPFDLT
DIVSELRGQLLEAKP
;
_entity_poly.pdbx_strand_id   A
#
loop_
_chem_comp.id
_chem_comp.type
_chem_comp.name
_chem_comp.formula
DGR non-polymer '(E)-4-(2-Nicotinoylhydrazinyl)-4-oxobut-2-enoic acid' 'C10 H9 N3 O4'
NI non-polymer 'NICKEL (II) ION' 'Ni 2'
#
# COMPACT_ATOMS: atom_id res chain seq x y z
N ARG A 17 29.31 -7.13 21.60
CA ARG A 17 28.77 -6.24 20.57
C ARG A 17 28.32 -7.01 19.32
N GLY A 18 27.20 -6.61 18.74
CA GLY A 18 26.69 -7.25 17.54
C GLY A 18 27.64 -7.05 16.37
N SER A 19 27.70 -8.06 15.50
CA SER A 19 28.57 -8.01 14.31
C SER A 19 27.80 -8.37 13.04
N HIS A 20 28.34 -8.03 11.88
CA HIS A 20 27.75 -8.49 10.63
C HIS A 20 28.75 -9.15 9.69
N MET A 21 28.25 -9.82 8.66
CA MET A 21 29.07 -10.55 7.69
C MET A 21 28.80 -10.11 6.28
N THR A 22 29.86 -10.07 5.48
CA THR A 22 29.75 -9.71 4.08
C THR A 22 30.56 -10.76 3.32
N PRO A 23 30.46 -10.80 1.99
CA PRO A 23 31.31 -11.72 1.20
C PRO A 23 32.81 -11.73 1.59
N LYS A 24 33.30 -10.67 2.23
CA LYS A 24 34.71 -10.58 2.57
C LYS A 24 35.01 -11.56 3.70
N ASP A 25 33.98 -11.87 4.48
CA ASP A 25 34.16 -12.75 5.63
C ASP A 25 34.12 -14.21 5.19
N ASP A 26 34.87 -15.04 5.90
CA ASP A 26 35.00 -16.44 5.54
C ASP A 26 33.73 -17.18 5.84
N GLU A 27 33.20 -16.89 7.03
CA GLU A 27 31.98 -17.49 7.57
C GLU A 27 30.69 -17.10 6.83
N PHE A 28 30.79 -16.14 5.92
CA PHE A 28 29.62 -15.61 5.24
C PHE A 28 28.90 -16.68 4.44
N TYR A 29 29.63 -17.46 3.66
CA TYR A 29 28.99 -18.49 2.85
C TYR A 29 28.28 -19.49 3.76
N GLN A 30 28.93 -19.87 4.86
CA GLN A 30 28.32 -20.81 5.81
C GLN A 30 27.07 -20.26 6.49
N GLN A 31 27.12 -18.99 6.90
CA GLN A 31 25.99 -18.36 7.59
C GLN A 31 24.76 -18.26 6.69
N TRP A 32 25.00 -17.91 5.44
CA TRP A 32 23.97 -17.79 4.43
C TRP A 32 23.22 -19.13 4.24
N GLN A 33 23.91 -20.23 4.46
CA GLN A 33 23.33 -21.52 4.15
C GLN A 33 22.52 -22.10 5.31
N LEU A 34 22.97 -21.84 6.52
CA LEU A 34 22.36 -22.52 7.66
C LEU A 34 21.36 -21.63 8.38
N LYS A 35 21.40 -20.34 8.09
CA LYS A 35 20.51 -19.42 8.76
C LYS A 35 19.75 -18.47 7.82
N TYR A 36 20.06 -18.52 6.51
CA TYR A 36 19.41 -17.69 5.50
C TYR A 36 19.26 -18.40 4.12
N PRO A 37 18.95 -19.71 4.09
CA PRO A 37 18.93 -20.33 2.76
C PRO A 37 17.79 -19.86 1.83
N LYS A 38 16.66 -19.37 2.37
CA LYS A 38 15.56 -18.97 1.48
C LYS A 38 15.77 -17.58 0.86
N LEU A 39 16.95 -17.01 1.08
CA LEU A 39 17.35 -15.79 0.42
C LEU A 39 18.21 -16.14 -0.77
N ILE A 40 17.79 -15.72 -1.95
CA ILE A 40 18.51 -16.02 -3.16
C ILE A 40 18.96 -14.70 -3.79
N LEU A 41 20.03 -14.79 -4.57
CA LEU A 41 20.65 -13.64 -5.17
C LEU A 41 21.03 -14.06 -6.57
N ARG A 42 20.78 -13.19 -7.54
CA ARG A 42 21.16 -13.42 -8.92
C ARG A 42 21.75 -12.14 -9.43
N GLU A 43 23.03 -12.18 -9.74
CA GLU A 43 23.70 -10.97 -10.13
C GLU A 43 23.39 -10.61 -11.58
N ALA A 44 23.83 -9.43 -11.99
CA ALA A 44 23.47 -8.83 -13.27
C ALA A 44 23.67 -9.78 -14.46
N SER A 45 24.66 -10.66 -14.33
CA SER A 45 24.96 -11.67 -15.37
C SER A 45 23.72 -12.44 -15.79
N SER A 46 22.96 -12.89 -14.78
CA SER A 46 21.76 -13.68 -15.01
C SER A 46 20.63 -12.94 -15.74
N VAL A 47 20.89 -11.72 -16.18
CA VAL A 47 19.89 -10.90 -16.86
C VAL A 47 20.46 -10.28 -18.13
N SER A 48 19.71 -10.35 -19.23
CA SER A 48 20.22 -9.92 -20.54
C SER A 48 20.60 -8.44 -20.56
N GLU A 49 21.68 -8.12 -21.26
CA GLU A 49 22.09 -6.73 -21.44
C GLU A 49 20.96 -5.96 -22.12
N GLU A 50 20.14 -6.68 -22.88
CA GLU A 50 18.96 -6.12 -23.52
C GLU A 50 17.94 -5.66 -22.47
N LEU A 51 17.57 -6.57 -21.58
CA LEU A 51 16.61 -6.26 -20.52
C LEU A 51 17.13 -5.20 -19.55
N HIS A 52 18.42 -5.25 -19.24
CA HIS A 52 19.03 -4.26 -18.35
C HIS A 52 18.82 -2.85 -18.85
N LYS A 53 19.01 -2.68 -20.16
CA LYS A 53 18.92 -1.38 -20.80
C LYS A 53 17.56 -0.73 -20.58
N GLU A 54 16.52 -1.32 -21.14
CA GLU A 54 15.22 -0.67 -21.16
C GLU A 54 14.68 -0.44 -19.75
N VAL A 55 14.83 -1.43 -18.87
CA VAL A 55 14.39 -1.31 -17.49
C VAL A 55 15.00 -0.09 -16.79
N GLN A 56 16.28 0.18 -17.03
CA GLN A 56 16.93 1.32 -16.41
C GLN A 56 16.48 2.65 -17.03
N GLU A 57 16.11 2.65 -18.30
CA GLU A 57 15.57 3.86 -18.90
C GLU A 57 14.06 3.96 -18.67
N ALA A 58 13.40 2.81 -18.58
CA ALA A 58 12.04 2.76 -18.05
C ALA A 58 12.06 3.36 -16.66
N PHE A 59 13.07 2.98 -15.87
CA PHE A 59 13.35 3.64 -14.61
C PHE A 59 13.48 5.14 -14.83
N LEU A 60 14.46 5.54 -15.66
CA LEU A 60 14.83 6.94 -15.82
C LEU A 60 13.72 7.81 -16.43
N THR A 61 13.09 7.34 -17.50
CA THR A 61 12.01 8.11 -18.12
C THR A 61 10.95 8.44 -17.06
N LEU A 62 10.50 7.42 -16.33
CA LEU A 62 9.60 7.59 -15.18
C LEU A 62 10.07 8.61 -14.15
N HIS A 63 11.38 8.69 -13.93
CA HIS A 63 11.94 9.63 -12.96
C HIS A 63 11.89 11.12 -13.31
N LYS A 64 12.37 11.50 -14.48
CA LYS A 64 12.37 12.94 -14.82
C LYS A 64 10.99 13.41 -15.26
N HIS A 65 10.05 12.49 -15.45
CA HIS A 65 8.66 12.88 -15.56
C HIS A 65 7.97 13.03 -14.21
N GLY A 66 8.73 12.82 -13.14
CA GLY A 66 8.28 13.11 -11.78
C GLY A 66 7.16 12.23 -11.30
N CYS A 67 7.28 10.93 -11.50
CA CYS A 67 6.22 10.00 -11.15
C CYS A 67 6.37 9.48 -9.70
N LEU A 68 7.56 9.64 -9.14
CA LEU A 68 7.84 9.12 -7.80
C LEU A 68 7.63 10.16 -6.70
N PHE A 69 7.01 9.74 -5.63
CA PHE A 69 6.63 10.65 -4.58
C PHE A 69 7.04 10.10 -3.22
N ARG A 70 7.43 11.00 -2.34
CA ARG A 70 7.58 10.64 -0.95
C ARG A 70 6.20 10.54 -0.38
N ASP A 71 5.98 9.58 0.51
CA ASP A 71 4.67 9.41 1.11
C ASP A 71 4.63 9.96 2.52
N LEU A 72 3.47 10.49 2.87
CA LEU A 72 3.23 11.08 4.16
C LEU A 72 2.55 10.01 5.02
N VAL A 73 3.35 9.06 5.48
CA VAL A 73 2.84 7.91 6.16
C VAL A 73 2.52 8.15 7.64
N ARG A 74 2.30 7.03 8.33
CA ARG A 74 2.10 6.99 9.78
C ARG A 74 2.75 5.75 10.39
N ILE A 75 3.66 5.98 11.33
CA ILE A 75 4.36 4.89 12.00
C ILE A 75 4.72 5.26 13.44
N GLN A 76 4.14 4.55 14.40
CA GLN A 76 4.39 4.79 15.80
C GLN A 76 3.63 6.03 16.29
N GLY A 77 2.40 6.20 15.82
CA GLY A 77 1.58 7.32 16.21
C GLY A 77 2.24 8.66 15.90
N LYS A 78 2.69 8.81 14.66
CA LYS A 78 3.34 10.05 14.23
C LYS A 78 3.42 10.16 12.70
N ASP A 79 3.16 11.35 12.18
CA ASP A 79 3.19 11.60 10.73
C ASP A 79 4.60 11.85 10.19
N LEU A 80 4.95 11.19 9.10
CA LEU A 80 6.33 11.11 8.65
C LEU A 80 6.43 11.17 7.14
N LEU A 81 7.34 11.99 6.64
CA LEU A 81 7.63 11.98 5.23
C LEU A 81 8.67 10.91 4.99
N THR A 82 8.48 10.11 3.96
CA THR A 82 9.42 9.03 3.67
C THR A 82 10.57 9.54 2.81
N PRO A 83 11.80 9.32 3.25
CA PRO A 83 12.98 9.68 2.46
C PRO A 83 12.96 9.06 1.06
N VAL A 84 12.39 7.87 0.97
CA VAL A 84 12.36 7.15 -0.31
C VAL A 84 11.16 7.57 -1.14
N SER A 85 11.40 7.74 -2.44
CA SER A 85 10.38 8.18 -3.38
C SER A 85 9.76 6.93 -3.96
N ARG A 86 8.44 6.89 -4.02
CA ARG A 86 7.77 5.64 -4.35
C ARG A 86 6.85 5.79 -5.54
N ILE A 87 6.61 4.68 -6.22
CA ILE A 87 5.46 4.60 -7.10
C ILE A 87 5.10 3.14 -7.34
N LEU A 88 3.80 2.88 -7.48
CA LEU A 88 3.27 1.52 -7.57
C LEU A 88 2.72 1.19 -8.95
N ILE A 89 3.50 0.45 -9.75
CA ILE A 89 3.04 -0.05 -11.03
C ILE A 89 2.42 -1.42 -10.79
N GLY A 90 1.38 -1.78 -11.54
CA GLY A 90 0.77 -3.08 -11.38
C GLY A 90 -0.57 -3.28 -12.05
N ASN A 91 -1.13 -4.47 -11.88
CA ASN A 91 -2.42 -4.80 -12.47
C ASN A 91 -3.43 -3.67 -12.32
N PRO A 92 -4.35 -3.59 -13.27
CA PRO A 92 -5.39 -2.55 -13.28
C PRO A 92 -6.37 -2.75 -12.12
N GLY A 93 -6.57 -1.71 -11.33
CA GLY A 93 -7.48 -1.77 -10.20
C GLY A 93 -6.92 -2.36 -8.91
N CYS A 94 -5.64 -2.75 -8.91
CA CYS A 94 -5.04 -3.28 -7.71
C CYS A 94 -4.49 -2.18 -6.81
N THR A 95 -4.62 -2.38 -5.50
CA THR A 95 -3.97 -1.50 -4.53
C THR A 95 -3.07 -2.32 -3.62
N TYR A 96 -2.20 -1.62 -2.90
CA TYR A 96 -1.28 -2.24 -1.96
C TYR A 96 -1.10 -1.32 -0.76
N LYS A 97 -1.39 -1.82 0.43
CA LYS A 97 -1.34 -0.94 1.60
C LYS A 97 0.03 -1.02 2.25
N TYR A 98 0.53 0.16 2.59
CA TYR A 98 1.92 0.36 2.94
C TYR A 98 1.90 1.36 4.07
N LEU A 99 2.06 0.88 5.30
CA LEU A 99 2.07 1.77 6.47
C LEU A 99 0.82 2.64 6.51
N ASN A 100 -0.35 2.00 6.54
CA ASN A 100 -1.64 2.68 6.51
C ASN A 100 -1.82 3.61 5.33
N THR A 101 -1.14 3.32 4.25
CA THR A 101 -1.24 4.18 3.09
C THR A 101 -1.57 3.29 1.91
N ARG A 102 -2.78 3.44 1.37
CA ARG A 102 -3.14 2.62 0.22
C ARG A 102 -2.53 3.24 -1.02
N LEU A 103 -1.58 2.53 -1.63
CA LEU A 103 -1.02 2.91 -2.89
C LEU A 103 -1.88 2.30 -3.99
N PHE A 104 -2.14 3.09 -5.03
CA PHE A 104 -2.97 2.65 -6.14
C PHE A 104 -2.12 2.43 -7.38
N THR A 105 -2.38 1.36 -8.12
CA THR A 105 -1.51 1.07 -9.25
C THR A 105 -1.59 2.02 -10.40
N VAL A 106 -0.43 2.52 -10.82
CA VAL A 106 -0.24 2.92 -12.20
C VAL A 106 -0.26 1.65 -13.05
N PRO A 107 -1.22 1.51 -13.97
CA PRO A 107 -1.56 0.22 -14.59
C PRO A 107 -0.57 -0.28 -15.68
N TRP A 108 -0.40 -1.59 -15.81
CA TRP A 108 0.52 -2.16 -16.79
C TRP A 108 -0.24 -2.96 -17.84
N PRO A 109 0.31 -2.92 -19.14
CA PRO A 109 -0.45 -3.72 -20.11
C PRO A 109 -0.64 -5.15 -19.66
N VAL A 110 -1.91 -5.56 -19.55
CA VAL A 110 -2.28 -6.91 -19.18
C VAL A 110 -3.27 -7.37 -20.24
N LYS A 111 -3.45 -8.68 -20.37
CA LYS A 111 -4.28 -9.18 -21.45
C LYS A 111 -5.66 -8.57 -21.32
N GLY A 112 -6.21 -8.12 -22.44
CA GLY A 112 -7.45 -7.38 -22.46
C GLY A 112 -7.41 -6.09 -21.67
N SER A 113 -6.26 -5.42 -21.69
CA SER A 113 -6.13 -4.12 -21.02
C SER A 113 -6.46 -2.97 -21.97
N ASN A 114 -6.74 -1.79 -21.42
CA ASN A 114 -7.07 -0.60 -22.22
C ASN A 114 -6.13 0.59 -21.98
N ILE A 115 -6.00 1.44 -23.00
CA ILE A 115 -5.14 2.63 -22.97
C ILE A 115 -3.74 2.32 -22.45
N THR A 118 -1.08 6.43 -18.83
CA THR A 118 -1.83 6.91 -19.99
C THR A 118 -0.87 7.54 -21.02
N GLU A 119 0.06 8.34 -20.52
CA GLU A 119 1.10 8.96 -21.35
C GLU A 119 1.88 7.93 -22.18
N ALA A 120 2.23 8.29 -23.42
CA ALA A 120 2.99 7.39 -24.29
C ALA A 120 4.34 6.97 -23.69
N GLU A 121 5.15 7.96 -23.30
CA GLU A 121 6.50 7.71 -22.78
C GLU A 121 6.40 6.89 -21.51
N ILE A 122 5.51 7.34 -20.63
CA ILE A 122 5.25 6.68 -19.37
C ILE A 122 4.64 5.28 -19.49
N ALA A 123 3.65 5.08 -20.36
CA ALA A 123 3.06 3.75 -20.50
C ALA A 123 4.09 2.76 -21.06
N ALA A 124 5.15 3.28 -21.65
CA ALA A 124 6.22 2.43 -22.17
C ALA A 124 6.95 1.76 -21.01
N ALA A 125 7.25 2.56 -19.99
CA ALA A 125 7.96 2.10 -18.82
C ALA A 125 7.15 1.03 -18.08
N CYS A 126 5.88 1.35 -17.87
CA CYS A 126 4.93 0.42 -17.28
C CYS A 126 4.99 -0.96 -17.93
N GLU A 127 4.87 -0.98 -19.25
CA GLU A 127 4.92 -2.22 -20.01
C GLU A 127 6.25 -2.90 -19.78
N THR A 128 7.31 -2.11 -19.67
CA THR A 128 8.62 -2.70 -19.38
C THR A 128 8.57 -3.49 -18.07
N PHE A 129 8.38 -2.76 -16.97
CA PHE A 129 8.36 -3.36 -15.65
C PHE A 129 7.43 -4.56 -15.58
N LEU A 130 6.49 -4.64 -16.52
CA LEU A 130 5.72 -5.85 -16.73
C LEU A 130 6.54 -6.97 -17.35
N LYS A 131 7.30 -6.65 -18.40
CA LYS A 131 8.17 -7.66 -19.01
C LYS A 131 9.13 -8.11 -17.92
N LEU A 132 9.70 -7.15 -17.21
CA LEU A 132 10.53 -7.41 -16.05
C LEU A 132 9.83 -8.34 -15.10
N ASN A 133 8.60 -7.98 -14.73
CA ASN A 133 7.78 -8.82 -13.89
C ASN A 133 7.66 -10.27 -14.38
N ASP A 134 7.48 -10.46 -15.68
CA ASP A 134 7.35 -11.81 -16.24
C ASP A 134 8.61 -12.66 -15.99
N TYR A 135 9.78 -12.06 -16.29
CA TYR A 135 11.07 -12.69 -16.11
C TYR A 135 11.26 -13.15 -14.67
N LEU A 136 11.12 -12.20 -13.75
CA LEU A 136 11.29 -12.46 -12.34
C LEU A 136 10.41 -13.60 -11.86
N GLN A 137 9.22 -13.69 -12.45
CA GLN A 137 8.21 -14.68 -12.11
C GLN A 137 8.72 -16.09 -12.39
N ILE A 138 9.15 -16.30 -13.63
CA ILE A 138 9.87 -17.52 -14.04
C ILE A 138 10.95 -17.92 -13.04
N GLU A 139 11.93 -17.04 -12.87
CA GLU A 139 13.07 -17.27 -11.98
C GLU A 139 12.68 -17.57 -10.53
N THR A 140 11.53 -17.06 -10.09
CA THR A 140 11.10 -17.33 -8.73
C THR A 140 10.53 -18.76 -8.63
N ILE A 141 9.97 -19.24 -9.73
CA ILE A 141 9.41 -20.58 -9.79
C ILE A 141 10.54 -21.60 -9.81
N GLN A 142 11.56 -21.35 -10.64
CA GLN A 142 12.75 -22.20 -10.66
C GLN A 142 13.27 -22.40 -9.24
N ALA A 143 13.60 -21.28 -8.59
CA ALA A 143 14.12 -21.28 -7.24
C ALA A 143 13.19 -21.95 -6.23
N LEU A 144 11.90 -21.74 -6.36
CA LEU A 144 10.96 -22.38 -5.44
C LEU A 144 10.83 -23.86 -5.76
N GLU A 145 11.02 -24.21 -7.02
CA GLU A 145 11.15 -25.62 -7.38
C GLU A 145 12.45 -26.18 -6.78
N GLU A 146 13.59 -25.61 -7.17
CA GLU A 146 14.88 -26.02 -6.63
C GLU A 146 14.91 -26.10 -5.09
N LEU A 147 14.27 -25.15 -4.42
CA LEU A 147 14.22 -25.16 -2.94
C LEU A 147 13.43 -26.36 -2.41
N ALA A 148 12.31 -26.67 -3.06
CA ALA A 148 11.53 -27.84 -2.68
C ALA A 148 12.32 -29.09 -3.07
N ALA A 149 13.03 -29.01 -4.20
CA ALA A 149 13.89 -30.11 -4.64
C ALA A 149 15.26 -30.08 -3.94
N LYS A 150 15.37 -29.31 -2.86
CA LYS A 150 16.62 -29.20 -2.12
C LYS A 150 16.40 -29.49 -0.63
N GLU A 151 15.73 -30.59 -0.31
CA GLU A 151 15.20 -31.53 -1.29
C GLU A 151 14.40 -32.65 -0.62
N LYS A 152 13.30 -33.05 -1.25
CA LYS A 152 12.45 -34.10 -0.72
C LYS A 152 13.27 -35.28 -0.24
N ASP A 179 1.95 -28.07 -3.41
CA ASP A 179 1.65 -28.51 -4.75
C ASP A 179 2.43 -27.67 -5.77
N GLU A 180 2.42 -28.08 -7.04
CA GLU A 180 3.09 -27.34 -8.12
C GLU A 180 2.37 -26.04 -8.46
N VAL A 181 1.16 -25.86 -7.92
CA VAL A 181 0.37 -24.67 -8.21
C VAL A 181 0.46 -23.62 -7.10
N ASP A 182 0.61 -24.06 -5.85
CA ASP A 182 1.03 -23.15 -4.77
C ASP A 182 2.32 -22.41 -5.11
N ILE A 183 3.24 -23.08 -5.78
CA ILE A 183 4.46 -22.43 -6.17
C ILE A 183 4.12 -21.33 -7.18
N LYS A 184 3.34 -21.69 -8.19
CA LYS A 184 3.02 -20.74 -9.27
C LYS A 184 2.26 -19.52 -8.76
N SER A 185 1.48 -19.72 -7.69
CA SER A 185 0.69 -18.64 -7.12
C SER A 185 1.53 -17.72 -6.25
N ARG A 186 2.47 -18.30 -5.51
CA ARG A 186 3.38 -17.55 -4.64
C ARG A 186 4.43 -16.76 -5.42
N ALA A 187 4.49 -17.01 -6.73
CA ALA A 187 5.26 -16.18 -7.61
C ALA A 187 4.37 -15.28 -8.51
N ALA A 188 3.05 -15.44 -8.44
CA ALA A 188 2.12 -14.65 -9.31
C ALA A 188 2.06 -13.16 -8.98
N TYR A 189 3.15 -12.44 -9.23
CA TYR A 189 3.26 -11.05 -8.85
C TYR A 189 2.20 -10.18 -9.54
N ASN A 190 1.46 -9.41 -8.75
CA ASN A 190 0.44 -8.50 -9.30
C ASN A 190 0.83 -7.02 -9.22
N VAL A 191 1.86 -6.70 -8.46
CA VAL A 191 2.36 -5.32 -8.39
C VAL A 191 3.87 -5.28 -8.24
N THR A 192 4.46 -4.15 -8.58
CA THR A 192 5.80 -3.81 -8.17
C THR A 192 5.77 -2.43 -7.54
N LEU A 193 6.62 -2.22 -6.54
CA LEU A 193 6.74 -0.92 -5.93
C LEU A 193 8.15 -0.42 -6.25
N LEU A 194 8.23 0.80 -6.77
CA LEU A 194 9.51 1.36 -7.19
C LEU A 194 10.02 2.28 -6.11
N ASN A 195 11.34 2.28 -5.90
CA ASN A 195 11.92 3.12 -4.86
C ASN A 195 13.12 3.86 -5.36
N PHE A 196 13.17 5.14 -5.02
CA PHE A 196 14.32 5.95 -5.36
C PHE A 196 14.85 6.63 -4.11
N MET A 197 16.17 6.74 -4.03
CA MET A 197 16.75 7.63 -3.07
C MET A 197 18.11 8.07 -3.55
N ASP A 198 18.25 9.39 -3.72
CA ASP A 198 19.54 10.05 -3.77
C ASP A 198 19.95 10.30 -2.34
N PRO A 199 21.03 9.64 -1.88
CA PRO A 199 21.48 9.82 -0.50
C PRO A 199 22.08 11.21 -0.30
N GLN A 200 22.57 11.81 -1.42
CA GLN A 200 23.36 13.05 -1.36
C GLN A 200 22.56 14.38 -1.30
N LYS A 201 21.27 14.40 -1.72
CA LYS A 201 20.37 15.58 -1.56
C LYS A 201 19.27 15.32 -0.52
N MET A 202 19.28 14.07 -0.03
CA MET A 202 18.56 13.62 1.15
C MET A 202 19.52 13.08 2.23
N PRO A 203 20.55 13.85 2.61
CA PRO A 203 21.56 13.27 3.49
C PRO A 203 21.13 13.31 4.94
N TYR A 204 20.01 12.67 5.22
CA TYR A 204 19.51 12.54 6.57
C TYR A 204 19.17 11.07 6.79
N LEU A 205 20.17 10.32 7.27
CA LEU A 205 20.14 8.86 7.28
C LEU A 205 20.52 8.27 8.64
N LYS A 206 19.73 7.32 9.12
CA LYS A 206 19.92 6.76 10.46
C LYS A 206 21.08 5.77 10.52
N GLU A 207 21.67 5.62 11.70
CA GLU A 207 22.68 4.58 11.86
C GLU A 207 21.99 3.22 12.18
N GLU A 208 22.49 2.12 11.59
CA GLU A 208 21.94 0.80 11.88
C GLU A 208 22.33 0.39 13.30
N PRO A 209 21.32 0.12 14.14
CA PRO A 209 21.48 -0.07 15.58
C PRO A 209 22.16 -1.35 16.08
N TYR A 210 22.09 -2.47 15.38
CA TYR A 210 22.44 -3.73 16.06
C TYR A 210 23.75 -4.37 15.60
N PHE A 211 24.15 -4.17 14.35
CA PHE A 211 25.35 -4.86 13.83
C PHE A 211 26.39 -3.93 13.22
N GLY A 212 26.29 -2.63 13.52
CA GLY A 212 27.12 -1.61 12.89
C GLY A 212 27.23 -1.74 11.38
N MET A 213 26.10 -1.73 10.69
CA MET A 213 26.12 -1.93 9.24
C MET A 213 26.18 -0.60 8.48
N GLY A 214 26.11 0.50 9.22
CA GLY A 214 26.14 1.79 8.59
C GLY A 214 24.77 2.34 8.29
N LYS A 215 24.76 3.34 7.42
CA LYS A 215 23.59 4.16 7.19
C LYS A 215 22.46 3.38 6.54
N MET A 216 21.22 3.69 6.94
CA MET A 216 20.06 3.00 6.39
C MET A 216 19.17 3.92 5.60
N ALA A 217 18.90 3.52 4.36
CA ALA A 217 17.82 4.11 3.60
C ALA A 217 16.46 3.69 4.19
N VAL A 218 16.40 2.44 4.67
CA VAL A 218 15.17 1.79 5.13
C VAL A 218 15.49 0.93 6.35
N SER A 219 14.88 1.24 7.49
CA SER A 219 15.19 0.48 8.69
C SER A 219 14.56 -0.92 8.66
N TRP A 220 14.99 -1.77 9.60
CA TRP A 220 14.53 -3.16 9.70
C TRP A 220 13.03 -3.32 9.70
N HIS A 221 12.51 -4.12 8.78
CA HIS A 221 11.07 -4.30 8.70
C HIS A 221 10.73 -5.66 8.12
N HIS A 222 9.50 -6.12 8.37
CA HIS A 222 8.88 -7.13 7.51
C HIS A 222 8.07 -6.38 6.46
N ASP A 223 8.16 -6.76 5.18
CA ASP A 223 7.17 -6.27 4.20
C ASP A 223 5.75 -6.73 4.59
N GLU A 224 4.82 -5.81 4.74
CA GLU A 224 3.43 -6.08 5.06
C GLU A 224 2.53 -6.46 3.87
N ASN A 225 1.31 -6.94 4.19
CA ASN A 225 0.21 -7.14 3.23
C ASN A 225 0.54 -7.97 1.98
N LEU A 226 1.19 -9.11 2.19
CA LEU A 226 1.49 -10.00 1.09
C LEU A 226 0.72 -11.29 1.30
N VAL A 227 0.59 -12.07 0.24
CA VAL A 227 0.03 -13.41 0.41
C VAL A 227 0.98 -14.23 1.30
N ASP A 228 0.42 -15.03 2.22
CA ASP A 228 1.30 -15.85 3.05
C ASP A 228 2.25 -16.68 2.20
N ARG A 229 3.48 -16.82 2.72
CA ARG A 229 4.57 -17.60 2.14
C ARG A 229 4.86 -17.22 0.69
N SER A 230 4.43 -16.03 0.28
CA SER A 230 4.61 -15.60 -1.10
C SER A 230 5.94 -14.87 -1.25
N ALA A 231 6.51 -14.95 -2.45
CA ALA A 231 7.87 -14.47 -2.67
C ALA A 231 7.92 -13.01 -2.99
N VAL A 232 9.12 -12.45 -2.81
CA VAL A 232 9.41 -11.08 -3.23
C VAL A 232 10.66 -11.05 -4.08
N ALA A 233 10.58 -10.41 -5.24
CA ALA A 233 11.72 -10.28 -6.13
C ALA A 233 12.11 -8.82 -6.26
N VAL A 234 13.37 -8.48 -6.00
CA VAL A 234 13.82 -7.10 -6.11
C VAL A 234 14.86 -6.92 -7.18
N TYR A 235 14.66 -5.94 -8.05
CA TYR A 235 15.69 -5.55 -9.01
C TYR A 235 16.40 -4.32 -8.45
N SER A 236 17.72 -4.37 -8.35
CA SER A 236 18.44 -3.27 -7.73
C SER A 236 19.34 -2.57 -8.73
N TYR A 237 19.15 -1.26 -8.83
CA TYR A 237 19.80 -0.42 -9.82
C TYR A 237 20.53 0.70 -9.11
N SER A 238 21.78 0.45 -8.76
CA SER A 238 22.68 1.49 -8.31
C SER A 238 23.17 2.25 -9.53
N CYS A 239 23.33 3.55 -9.40
CA CYS A 239 24.02 4.31 -10.43
C CYS A 239 25.49 4.28 -10.05
N GLU A 240 26.33 3.94 -11.03
CA GLU A 240 27.76 3.75 -10.83
C GLU A 240 28.06 2.85 -9.62
N LEU A 252 38.40 -3.28 4.29
CA LEU A 252 37.93 -2.42 5.38
C LEU A 252 37.29 -3.24 6.51
N GLU A 253 36.89 -2.55 7.58
CA GLU A 253 36.34 -3.23 8.76
C GLU A 253 34.83 -3.46 8.64
N GLY A 254 34.45 -4.32 7.71
CA GLY A 254 33.04 -4.54 7.44
C GLY A 254 32.57 -3.99 6.10
N ARG A 255 31.29 -3.61 6.04
CA ARG A 255 30.64 -3.34 4.77
C ARG A 255 31.04 -2.01 4.17
N ASP A 256 31.29 -2.05 2.87
CA ASP A 256 31.63 -0.88 2.06
C ASP A 256 30.47 0.13 2.03
N PRO A 257 30.71 1.33 2.60
CA PRO A 257 29.63 2.31 2.78
C PRO A 257 29.22 3.02 1.50
N ASP A 258 30.07 3.05 0.49
CA ASP A 258 29.74 3.70 -0.78
C ASP A 258 28.85 2.81 -1.65
N ILE A 259 28.78 1.54 -1.30
CA ILE A 259 28.05 0.54 -2.08
C ILE A 259 26.75 0.15 -1.35
N TRP A 260 25.67 -0.03 -2.11
CA TRP A 260 24.38 -0.39 -1.52
C TRP A 260 24.27 -1.86 -1.13
N HIS A 261 23.64 -2.09 0.02
CA HIS A 261 23.42 -3.43 0.56
C HIS A 261 21.98 -3.63 1.02
N VAL A 262 21.45 -4.83 0.83
CA VAL A 262 20.28 -5.26 1.61
C VAL A 262 20.82 -6.04 2.81
N GLY A 263 20.28 -5.74 3.99
CA GLY A 263 20.70 -6.40 5.21
C GLY A 263 19.68 -7.45 5.60
N PHE A 264 20.06 -8.40 6.44
CA PHE A 264 19.12 -9.41 6.93
C PHE A 264 19.43 -9.83 8.35
N LYS A 265 18.38 -9.91 9.16
CA LYS A 265 18.51 -10.44 10.49
C LYS A 265 17.38 -11.43 10.77
N ILE A 266 17.59 -12.30 11.75
CA ILE A 266 16.52 -13.14 12.23
C ILE A 266 15.69 -12.30 13.18
N SER A 267 14.37 -12.41 13.06
CA SER A 267 13.47 -11.67 13.95
C SER A 267 13.84 -11.94 15.42
N TRP A 268 13.60 -10.94 16.26
CA TRP A 268 13.83 -11.07 17.70
C TRP A 268 15.29 -11.20 18.08
N ASP A 269 16.15 -11.36 17.08
CA ASP A 269 17.49 -11.86 17.30
C ASP A 269 18.61 -10.92 16.82
N ILE A 270 19.18 -10.16 17.75
CA ILE A 270 20.34 -9.35 17.40
C ILE A 270 21.66 -10.00 17.84
N GLU A 271 21.62 -11.25 18.29
CA GLU A 271 22.85 -11.99 18.58
C GLU A 271 23.46 -12.65 17.36
N THR A 272 22.70 -13.46 16.63
CA THR A 272 23.19 -13.98 15.35
C THR A 272 23.71 -12.85 14.47
N PRO A 273 24.96 -12.99 13.98
CA PRO A 273 25.47 -11.99 13.05
C PRO A 273 24.53 -11.78 11.86
N GLY A 274 24.14 -10.53 11.62
CA GLY A 274 23.33 -10.20 10.48
C GLY A 274 24.12 -10.33 9.19
N LEU A 275 23.41 -10.33 8.07
CA LEU A 275 24.03 -10.44 6.76
C LEU A 275 23.87 -9.16 5.98
N ALA A 276 24.94 -8.69 5.36
CA ALA A 276 24.84 -7.54 4.49
C ALA A 276 25.19 -7.94 3.05
N ILE A 277 24.24 -7.81 2.13
CA ILE A 277 24.43 -8.28 0.75
C ILE A 277 24.70 -7.13 -0.21
N PRO A 278 25.93 -7.04 -0.75
CA PRO A 278 26.24 -6.00 -1.74
C PRO A 278 25.42 -6.15 -3.00
N LEU A 279 24.77 -5.06 -3.39
CA LEU A 279 23.98 -4.99 -4.61
C LEU A 279 24.64 -4.03 -5.57
N HIS A 280 24.98 -4.53 -6.76
CA HIS A 280 25.57 -3.70 -7.77
C HIS A 280 24.53 -3.35 -8.82
N GLN A 281 24.96 -2.70 -9.89
CA GLN A 281 24.05 -2.36 -10.95
C GLN A 281 23.43 -3.65 -11.51
N GLY A 282 22.11 -3.76 -11.41
CA GLY A 282 21.37 -4.86 -12.00
C GLY A 282 21.26 -6.15 -11.22
N ASP A 283 21.72 -6.18 -9.97
CA ASP A 283 21.60 -7.37 -9.13
C ASP A 283 20.15 -7.57 -8.69
N CYS A 284 19.72 -8.82 -8.58
CA CYS A 284 18.39 -9.15 -8.07
C CYS A 284 18.46 -10.08 -6.86
N TYR A 285 17.70 -9.80 -5.82
CA TYR A 285 17.54 -10.81 -4.80
C TYR A 285 16.08 -11.28 -4.73
N PHE A 286 15.86 -12.29 -3.88
CA PHE A 286 14.65 -13.07 -3.88
C PHE A 286 14.33 -13.51 -2.45
N MET A 287 13.23 -13.03 -1.87
CA MET A 287 12.85 -13.55 -0.57
C MET A 287 11.83 -14.63 -0.77
N LEU A 288 12.18 -15.87 -0.42
CA LEU A 288 11.32 -16.99 -0.73
C LEU A 288 10.54 -17.47 0.49
N ASP A 289 9.28 -17.84 0.22
CA ASP A 289 8.48 -18.63 1.14
C ASP A 289 8.20 -17.91 2.47
N ASP A 290 8.60 -18.50 3.59
CA ASP A 290 8.47 -17.79 4.88
C ASP A 290 9.65 -16.86 5.29
N LEU A 291 10.58 -16.61 4.39
CA LEU A 291 11.68 -15.71 4.74
C LEU A 291 11.21 -14.36 5.28
N ASN A 292 10.32 -13.66 4.56
CA ASN A 292 9.92 -12.32 4.97
C ASN A 292 9.28 -12.32 6.36
N ALA A 293 8.83 -13.48 6.83
CA ALA A 293 8.17 -13.60 8.13
C ALA A 293 9.14 -13.94 9.26
N THR A 294 10.13 -14.74 8.93
CA THR A 294 11.07 -15.17 9.95
C THR A 294 12.21 -14.17 10.08
N HIS A 295 12.56 -13.54 8.98
CA HIS A 295 13.67 -12.63 8.99
C HIS A 295 13.17 -11.21 8.86
N GLN A 296 13.97 -10.25 9.30
CA GLN A 296 13.74 -8.84 8.97
C GLN A 296 14.77 -8.45 7.97
N HIS A 297 14.43 -7.51 7.09
CA HIS A 297 15.45 -6.93 6.23
C HIS A 297 15.46 -5.40 6.30
N CYS A 298 16.59 -4.84 5.86
CA CYS A 298 16.76 -3.39 5.77
C CYS A 298 17.56 -3.06 4.52
N VAL A 299 17.53 -1.80 4.12
CA VAL A 299 18.40 -1.33 3.05
C VAL A 299 19.53 -0.46 3.62
N LEU A 300 20.77 -0.81 3.29
CA LEU A 300 21.90 0.01 3.70
C LEU A 300 22.34 0.91 2.54
N ALA A 301 22.33 2.22 2.77
CA ALA A 301 22.60 3.19 1.69
C ALA A 301 24.06 3.27 1.23
N GLY A 302 24.24 3.44 -0.07
CA GLY A 302 25.53 3.74 -0.65
C GLY A 302 25.81 5.23 -0.66
N SER A 303 26.50 5.69 -1.70
CA SER A 303 26.85 7.11 -1.81
C SER A 303 26.11 7.75 -2.99
N GLN A 304 25.89 6.93 -4.01
CA GLN A 304 25.24 7.31 -5.26
C GLN A 304 23.72 7.13 -5.22
N PRO A 305 23.00 7.66 -6.22
CA PRO A 305 21.58 7.32 -6.29
C PRO A 305 21.38 5.83 -6.48
N ARG A 306 20.15 5.37 -6.31
CA ARG A 306 19.79 3.98 -6.56
C ARG A 306 18.29 3.82 -6.70
N PHE A 307 17.89 3.00 -7.68
CA PHE A 307 16.49 2.59 -7.85
C PHE A 307 16.27 1.13 -7.40
N SER A 308 15.04 0.75 -7.11
CA SER A 308 14.68 -0.66 -6.96
C SER A 308 13.22 -0.97 -7.26
N SER A 309 13.03 -1.99 -8.09
CA SER A 309 11.72 -2.53 -8.42
C SER A 309 11.40 -3.76 -7.54
N THR A 310 10.60 -3.59 -6.50
CA THR A 310 10.29 -4.72 -5.61
C THR A 310 8.92 -5.37 -5.89
N HIS A 311 8.93 -6.46 -6.66
CA HIS A 311 7.73 -7.16 -7.08
C HIS A 311 7.16 -8.06 -5.99
N ARG A 312 5.86 -7.95 -5.77
CA ARG A 312 5.21 -8.59 -4.64
C ARG A 312 3.90 -9.24 -5.08
N VAL A 313 3.40 -10.16 -4.26
CA VAL A 313 2.05 -10.66 -4.42
C VAL A 313 1.20 -10.13 -3.27
N ALA A 314 0.63 -8.96 -3.50
CA ALA A 314 -0.19 -8.25 -2.53
C ALA A 314 -1.49 -9.02 -2.23
N GLU A 315 -1.83 -9.17 -0.96
CA GLU A 315 -3.15 -9.66 -0.67
C GLU A 315 -4.16 -8.56 -0.92
N CYS A 316 -4.89 -8.68 -2.03
CA CYS A 316 -5.79 -7.64 -2.46
C CYS A 316 -7.23 -8.13 -2.50
N SER A 317 -7.55 -9.07 -1.61
CA SER A 317 -8.89 -9.63 -1.56
C SER A 317 -9.92 -8.57 -1.16
N THR A 318 -9.46 -7.50 -0.52
CA THR A 318 -10.28 -6.31 -0.24
C THR A 318 -9.58 -5.04 -0.70
N GLY A 319 -8.83 -5.14 -1.80
CA GLY A 319 -7.99 -4.03 -2.20
C GLY A 319 -7.89 -3.94 -3.71
N THR A 320 -9.00 -4.26 -4.37
CA THR A 320 -9.17 -4.06 -5.80
C THR A 320 -10.41 -3.24 -6.04
N LEU A 321 -10.45 -2.58 -7.19
CA LEU A 321 -11.60 -1.75 -7.54
C LEU A 321 -12.88 -2.59 -7.66
N ASP A 322 -12.78 -3.76 -8.29
CA ASP A 322 -13.93 -4.62 -8.45
C ASP A 322 -14.41 -4.99 -7.06
N TYR A 323 -13.46 -5.15 -6.15
CA TYR A 323 -13.82 -5.59 -4.83
C TYR A 323 -14.65 -4.50 -4.17
N ILE A 324 -14.15 -3.27 -4.19
CA ILE A 324 -14.83 -2.23 -3.44
C ILE A 324 -16.13 -1.83 -4.16
N LEU A 325 -16.14 -1.86 -5.51
CA LEU A 325 -17.36 -1.56 -6.26
C LEU A 325 -18.43 -2.54 -5.85
N GLN A 326 -18.12 -3.83 -5.96
CA GLN A 326 -19.09 -4.84 -5.57
C GLN A 326 -19.62 -4.59 -4.17
N ARG A 327 -18.75 -4.17 -3.25
CA ARG A 327 -19.18 -3.85 -1.89
C ARG A 327 -20.24 -2.74 -1.88
N CYS A 328 -20.03 -1.72 -2.71
CA CYS A 328 -20.96 -0.59 -2.78
C CYS A 328 -22.34 -1.05 -3.28
N GLN A 329 -22.34 -1.89 -4.31
CA GLN A 329 -23.52 -2.53 -4.84
C GLN A 329 -24.29 -3.32 -3.78
N LEU A 330 -23.57 -3.90 -2.83
CA LEU A 330 -24.23 -4.68 -1.80
C LEU A 330 -24.88 -3.78 -0.75
N ALA A 331 -24.26 -2.64 -0.51
CA ALA A 331 -24.85 -1.63 0.36
C ALA A 331 -26.14 -1.10 -0.25
N LEU A 332 -26.13 -0.96 -1.57
CA LEU A 332 -27.14 -0.21 -2.27
C LEU A 332 -28.32 -1.09 -2.64
N GLN A 333 -28.19 -2.38 -2.38
CA GLN A 333 -29.31 -3.29 -2.50
C GLN A 333 -30.45 -2.90 -1.55
N ASN A 334 -30.11 -2.16 -0.50
CA ASN A 334 -31.11 -1.75 0.47
C ASN A 334 -31.76 -0.43 0.03
N VAL A 335 -31.35 0.08 -1.11
CA VAL A 335 -31.98 1.30 -1.61
C VAL A 335 -33.04 1.03 -2.69
N CYS A 336 -34.12 1.80 -2.62
CA CYS A 336 -35.14 1.77 -3.66
C CYS A 336 -34.53 2.54 -4.79
N ASP A 337 -34.18 1.82 -5.86
CA ASP A 337 -33.30 2.40 -6.86
C ASP A 337 -33.94 2.70 -8.20
N ASP A 338 -35.20 3.13 -8.18
CA ASP A 338 -35.88 3.53 -9.41
C ASP A 338 -35.18 4.72 -10.03
N VAL A 339 -34.96 5.76 -9.23
CA VAL A 339 -34.36 7.00 -9.73
C VAL A 339 -33.20 7.47 -8.86
N ASP A 340 -32.17 8.04 -9.48
CA ASP A 340 -31.11 8.67 -8.68
C ASP A 340 -31.48 10.09 -8.27
N ASN A 341 -32.07 10.24 -7.08
CA ASN A 341 -32.37 11.56 -6.51
C ASN A 341 -31.91 11.69 -5.05
N ASP A 342 -32.47 12.66 -4.34
CA ASP A 342 -32.09 12.91 -2.93
C ASP A 342 -33.14 12.39 -1.94
N ASP A 343 -34.19 11.76 -2.45
CA ASP A 343 -35.17 11.13 -1.58
C ASP A 343 -34.82 9.64 -1.46
N VAL A 344 -33.69 9.38 -0.81
CA VAL A 344 -33.22 8.03 -0.57
C VAL A 344 -34.15 7.31 0.39
N SER A 345 -34.70 6.18 -0.04
CA SER A 345 -35.57 5.38 0.83
C SER A 345 -35.17 3.91 0.80
N LEU A 346 -35.22 3.30 1.98
CA LEU A 346 -34.62 1.99 2.18
C LEU A 346 -35.64 0.86 2.21
N LYS A 347 -35.19 -0.34 1.80
CA LYS A 347 -36.06 -1.50 1.71
C LYS A 347 -36.22 -2.22 3.07
N SER A 348 -35.14 -2.32 3.83
CA SER A 348 -35.21 -2.94 5.15
C SER A 348 -34.68 -1.98 6.21
N PHE A 349 -35.08 -2.20 7.46
CA PHE A 349 -34.37 -1.64 8.62
C PHE A 349 -33.99 -2.76 9.58
N GLU A 350 -33.92 -3.99 9.08
CA GLU A 350 -33.37 -5.10 9.83
C GLU A 350 -31.95 -4.72 10.27
N PRO A 351 -31.62 -4.91 11.57
CA PRO A 351 -30.34 -4.46 12.14
C PRO A 351 -29.12 -4.93 11.35
N ALA A 352 -29.09 -6.21 10.98
CA ALA A 352 -27.96 -6.74 10.22
C ALA A 352 -27.74 -5.99 8.89
N VAL A 353 -28.82 -5.64 8.21
CA VAL A 353 -28.70 -4.97 6.92
C VAL A 353 -28.18 -3.53 7.08
N LEU A 354 -28.64 -2.86 8.13
CA LEU A 354 -28.23 -1.49 8.39
C LEU A 354 -26.75 -1.34 8.79
N LYS A 355 -26.26 -2.16 9.71
CA LYS A 355 -24.84 -2.10 10.09
C LYS A 355 -23.99 -2.44 8.89
N GLN A 356 -24.44 -3.39 8.08
CA GLN A 356 -23.67 -3.77 6.92
C GLN A 356 -23.51 -2.59 5.99
N GLY A 357 -24.61 -1.84 5.80
CA GLY A 357 -24.59 -0.68 4.94
C GLY A 357 -23.62 0.37 5.47
N GLU A 358 -23.72 0.67 6.76
CA GLU A 358 -22.92 1.72 7.35
C GLU A 358 -21.43 1.30 7.51
N GLU A 359 -21.16 0.00 7.52
CA GLU A 359 -19.75 -0.42 7.58
C GLU A 359 -19.11 -0.26 6.24
N ILE A 360 -19.91 -0.50 5.20
CA ILE A 360 -19.48 -0.33 3.81
C ILE A 360 -19.28 1.14 3.50
N HIS A 361 -20.24 1.96 3.94
CA HIS A 361 -20.12 3.41 4.02
C HIS A 361 -18.70 3.83 4.47
N ASN A 362 -18.27 3.26 5.59
CA ASN A 362 -16.96 3.50 6.14
C ASN A 362 -15.83 3.00 5.25
N GLU A 363 -15.98 1.77 4.76
CA GLU A 363 -14.93 1.18 3.95
C GLU A 363 -14.62 2.05 2.72
N VAL A 364 -15.62 2.35 1.88
CA VAL A 364 -15.41 3.18 0.70
C VAL A 364 -14.93 4.59 1.05
N GLU A 365 -15.39 5.12 2.16
CA GLU A 365 -14.92 6.46 2.53
C GLU A 365 -13.43 6.50 2.91
N PHE A 366 -12.99 5.67 3.87
CA PHE A 366 -11.64 5.84 4.47
C PHE A 366 -10.52 4.99 3.86
N GLU A 367 -10.86 3.80 3.41
CA GLU A 367 -9.92 2.93 2.73
C GLU A 367 -9.71 3.28 1.30
N TRP A 368 -10.52 4.19 0.79
CA TRP A 368 -10.51 4.41 -0.64
C TRP A 368 -10.45 5.92 -0.92
N LEU A 369 -11.54 6.62 -0.65
CA LEU A 369 -11.62 8.04 -1.00
C LEU A 369 -10.57 8.89 -0.29
N ARG A 370 -10.55 8.83 1.04
CA ARG A 370 -9.61 9.62 1.83
C ARG A 370 -8.16 9.18 1.58
N GLN A 371 -7.94 7.87 1.49
CA GLN A 371 -6.65 7.31 1.11
C GLN A 371 -6.17 7.84 -0.23
N PHE A 372 -7.07 7.90 -1.20
CA PHE A 372 -6.73 8.38 -2.55
C PHE A 372 -6.34 9.86 -2.57
N TRP A 373 -7.23 10.71 -2.08
CA TRP A 373 -7.06 12.16 -2.18
C TRP A 373 -6.04 12.71 -1.21
N PHE A 374 -5.61 11.90 -0.26
CA PHE A 374 -4.54 12.29 0.65
C PHE A 374 -3.26 12.49 -0.13
N GLN A 375 -3.20 11.76 -1.22
CA GLN A 375 -2.03 11.69 -2.06
C GLN A 375 -2.38 12.29 -3.39
N GLY A 376 -3.12 13.40 -3.43
CA GLY A 376 -3.66 13.88 -4.70
C GLY A 376 -2.58 14.08 -5.76
N ASN A 377 -2.90 14.71 -6.85
CA ASN A 377 -1.77 15.19 -7.60
C ASN A 377 -0.72 14.15 -8.00
N TYR A 379 -1.22 11.03 -8.82
CA TYR A 379 -1.69 9.95 -9.69
C TYR A 379 -1.99 10.46 -11.11
N ARG A 380 -2.88 11.50 -11.15
CA ARG A 380 -3.23 12.16 -12.41
C ARG A 380 -1.98 12.61 -13.15
N LYS A 381 -0.85 12.76 -12.42
CA LYS A 381 0.49 13.00 -12.95
C LYS A 381 1.05 11.83 -13.74
N CYS A 382 0.57 10.62 -13.45
CA CYS A 382 1.12 9.42 -14.08
C CYS A 382 0.12 8.83 -15.06
N THR A 383 -1.10 8.61 -14.58
CA THR A 383 -2.16 8.04 -15.41
C THR A 383 -3.54 8.28 -14.78
N ASP A 384 -4.46 8.76 -15.60
CA ASP A 384 -5.82 9.04 -15.14
C ASP A 384 -6.68 7.78 -15.19
N TRP A 385 -6.15 6.68 -14.67
CA TRP A 385 -6.87 5.41 -14.66
C TRP A 385 -7.83 5.33 -13.49
N TRP A 386 -7.49 6.02 -12.40
CA TRP A 386 -8.32 6.03 -11.20
C TRP A 386 -9.31 7.22 -11.14
N CYS A 387 -9.10 8.24 -11.99
CA CYS A 387 -9.96 9.43 -12.02
C CYS A 387 -11.43 9.16 -12.15
N GLN A 388 -11.80 8.34 -13.14
CA GLN A 388 -13.20 7.99 -13.26
C GLN A 388 -13.65 7.14 -12.08
N PRO A 389 -12.94 6.03 -11.77
CA PRO A 389 -13.38 5.18 -10.65
C PRO A 389 -13.52 5.91 -9.33
N MET A 390 -12.64 6.87 -9.07
CA MET A 390 -12.75 7.63 -7.83
C MET A 390 -14.02 8.50 -7.85
N ALA A 391 -14.35 9.03 -9.03
CA ALA A 391 -15.60 9.77 -9.17
C ALA A 391 -16.78 8.83 -8.91
N GLN A 392 -16.75 7.68 -9.56
CA GLN A 392 -17.79 6.69 -9.39
C GLN A 392 -18.01 6.29 -7.91
N LEU A 393 -16.90 6.16 -7.17
CA LEU A 393 -17.00 5.74 -5.78
C LEU A 393 -17.42 6.89 -4.90
N GLU A 394 -17.13 8.12 -5.33
CA GLU A 394 -17.59 9.30 -4.60
C GLU A 394 -19.10 9.41 -4.71
N ALA A 395 -19.60 9.16 -5.91
CA ALA A 395 -21.05 9.15 -6.12
C ALA A 395 -21.69 8.06 -5.23
N LEU A 396 -21.20 6.83 -5.35
CA LEU A 396 -21.71 5.73 -4.53
C LEU A 396 -21.68 6.07 -3.07
N TRP A 397 -20.61 6.73 -2.64
CA TRP A 397 -20.43 7.16 -1.26
C TRP A 397 -21.47 8.19 -0.86
N LYS A 398 -21.78 9.10 -1.78
CA LYS A 398 -22.69 10.20 -1.49
C LYS A 398 -24.10 9.66 -1.24
N LYS A 399 -24.55 8.82 -2.16
CA LYS A 399 -25.81 8.10 -2.01
C LYS A 399 -25.94 7.43 -0.64
N MET A 400 -24.83 6.92 -0.10
CA MET A 400 -24.89 6.25 1.21
C MET A 400 -24.95 7.26 2.36
N GLU A 401 -24.58 8.51 2.08
CA GLU A 401 -24.78 9.56 3.06
C GLU A 401 -26.29 9.69 3.20
N GLY A 402 -26.96 9.60 2.06
CA GLY A 402 -28.40 9.65 2.00
C GLY A 402 -28.98 8.51 2.80
N VAL A 403 -28.44 7.32 2.58
CA VAL A 403 -28.85 6.14 3.35
C VAL A 403 -28.73 6.34 4.86
N THR A 404 -27.61 6.92 5.28
CA THR A 404 -27.39 7.16 6.69
C THR A 404 -28.49 8.08 7.19
N ASN A 405 -28.58 9.26 6.58
CA ASN A 405 -29.61 10.24 6.89
C ASN A 405 -31.02 9.64 6.88
N ALA A 406 -31.28 8.79 5.89
CA ALA A 406 -32.54 8.06 5.84
C ALA A 406 -32.75 7.27 7.13
N VAL A 407 -31.77 6.47 7.53
CA VAL A 407 -31.87 5.66 8.76
C VAL A 407 -32.06 6.56 9.98
N LEU A 408 -31.38 7.69 10.01
CA LEU A 408 -31.49 8.61 11.14
C LEU A 408 -32.90 9.12 11.26
N HIS A 409 -33.44 9.54 10.12
CA HIS A 409 -34.83 9.98 10.04
C HIS A 409 -35.76 8.90 10.57
N GLU A 410 -35.56 7.66 10.12
CA GLU A 410 -36.37 6.52 10.56
C GLU A 410 -36.35 6.30 12.07
N VAL A 411 -35.19 6.52 12.69
CA VAL A 411 -35.03 6.33 14.14
C VAL A 411 -35.83 7.35 14.95
N LYS A 412 -36.02 8.55 14.38
CA LYS A 412 -36.78 9.61 15.04
C LYS A 412 -38.29 9.56 14.74
N ARG A 413 -38.68 8.69 13.81
CA ARG A 413 -40.07 8.59 13.32
C ARG A 413 -41.08 8.25 14.43
N GLU A 414 -42.31 8.75 14.27
CA GLU A 414 -43.34 8.69 15.31
C GLU A 414 -43.73 7.27 15.74
N GLY A 415 -44.32 6.50 14.82
CA GLY A 415 -44.97 5.26 15.18
C GLY A 415 -44.09 4.04 15.35
N LEU A 416 -42.88 4.25 15.87
CA LEU A 416 -41.91 3.17 16.01
C LEU A 416 -41.65 2.82 17.47
N PRO A 417 -41.90 1.54 17.82
CA PRO A 417 -41.69 0.96 19.16
C PRO A 417 -40.23 0.99 19.58
N VAL A 418 -39.95 1.55 20.75
CA VAL A 418 -38.57 1.80 21.20
C VAL A 418 -37.65 0.59 21.02
N GLU A 419 -38.15 -0.60 21.34
CA GLU A 419 -37.39 -1.83 21.18
C GLU A 419 -36.84 -2.04 19.77
N GLN A 420 -37.56 -1.54 18.78
CA GLN A 420 -37.11 -1.62 17.40
C GLN A 420 -36.17 -0.46 17.09
N ARG A 421 -36.34 0.63 17.84
CA ARG A 421 -35.46 1.78 17.71
C ARG A 421 -34.15 1.55 18.47
N ASN A 422 -34.27 0.93 19.66
CA ASN A 422 -33.12 0.58 20.46
C ASN A 422 -32.27 -0.46 19.76
N GLU A 423 -32.92 -1.32 18.98
CA GLU A 423 -32.20 -2.36 18.27
C GLU A 423 -31.39 -1.75 17.12
N ILE A 424 -31.98 -0.76 16.44
CA ILE A 424 -31.35 -0.11 15.29
C ILE A 424 -30.07 0.64 15.70
N LEU A 425 -30.15 1.36 16.81
CA LEU A 425 -29.01 2.08 17.34
C LEU A 425 -27.81 1.14 17.54
N THR A 426 -27.94 0.20 18.46
CA THR A 426 -26.96 -0.87 18.70
C THR A 426 -26.35 -1.49 17.42
N ALA A 427 -27.05 -1.38 16.30
CA ALA A 427 -26.58 -1.95 15.05
C ALA A 427 -25.66 -0.97 14.31
N ILE A 428 -25.96 0.32 14.42
CA ILE A 428 -25.24 1.33 13.65
C ILE A 428 -24.28 2.21 14.46
N LEU A 429 -24.35 2.11 15.79
CA LEU A 429 -23.66 3.03 16.69
C LEU A 429 -22.14 3.03 16.59
N ALA A 430 -21.55 1.84 16.73
CA ALA A 430 -20.11 1.67 16.63
C ALA A 430 -19.60 2.18 15.29
N SER A 431 -20.40 2.00 14.25
CA SER A 431 -19.99 2.33 12.88
C SER A 431 -20.02 3.82 12.68
N LEU A 432 -20.97 4.47 13.33
CA LEU A 432 -21.03 5.93 13.30
C LEU A 432 -19.97 6.50 14.26
N THR A 433 -19.73 5.80 15.38
CA THR A 433 -18.61 6.14 16.27
C THR A 433 -17.30 6.08 15.49
N ALA A 434 -17.02 4.89 14.96
CA ALA A 434 -15.80 4.65 14.21
C ALA A 434 -15.63 5.64 13.05
N ARG A 435 -16.74 6.19 12.56
CA ARG A 435 -16.68 7.16 11.49
C ARG A 435 -16.24 8.51 11.99
N GLN A 436 -16.46 8.76 13.27
CA GLN A 436 -16.15 10.05 13.86
C GLN A 436 -14.65 10.15 14.12
N ASN A 437 -14.13 9.14 14.81
CA ASN A 437 -12.71 9.06 15.09
C ASN A 437 -11.88 9.22 13.83
N LEU A 438 -12.20 8.43 12.80
CA LEU A 438 -11.39 8.38 11.59
C LEU A 438 -11.60 9.62 10.72
N ARG A 439 -12.66 10.36 10.98
CA ARG A 439 -12.86 11.59 10.24
C ARG A 439 -11.96 12.66 10.86
N ARG A 440 -12.06 12.77 12.19
CA ARG A 440 -11.17 13.65 12.95
C ARG A 440 -9.72 13.39 12.57
N GLU A 441 -9.31 12.14 12.73
CA GLU A 441 -7.99 11.67 12.35
C GLU A 441 -7.62 12.02 10.91
N TRP A 442 -8.38 11.55 9.93
CA TRP A 442 -7.98 11.73 8.53
C TRP A 442 -7.63 13.16 8.15
N HIS A 443 -8.11 14.15 8.87
CA HIS A 443 -7.80 15.50 8.43
C HIS A 443 -7.08 16.31 9.50
N ALA A 444 -6.86 15.69 10.65
CA ALA A 444 -5.75 16.09 11.50
C ALA A 444 -4.52 15.79 10.67
N ARG A 445 -4.44 14.54 10.23
CA ARG A 445 -3.35 14.02 9.40
C ARG A 445 -3.17 14.83 8.10
N CYS A 446 -4.16 15.63 7.74
CA CYS A 446 -4.28 16.14 6.38
C CYS A 446 -4.03 17.64 6.40
N GLN A 447 -3.71 18.15 7.59
CA GLN A 447 -3.39 19.57 7.72
C GLN A 447 -2.26 19.85 8.72
N SER A 448 -1.63 18.80 9.24
CA SER A 448 -0.55 18.97 10.22
C SER A 448 0.60 19.79 9.63
N ARG A 449 1.51 20.27 10.49
CA ARG A 449 2.60 21.15 10.08
C ARG A 449 3.32 20.62 8.85
N ILE A 450 3.72 19.35 8.91
CA ILE A 450 4.41 18.69 7.79
C ILE A 450 3.42 18.29 6.69
N ALA A 451 2.27 18.93 6.65
CA ALA A 451 1.36 18.72 5.54
C ALA A 451 1.26 20.03 4.78
N ARG A 452 1.62 21.11 5.46
CA ARG A 452 1.62 22.42 4.86
C ARG A 452 2.98 22.70 4.22
N THR A 453 3.93 21.77 4.39
CA THR A 453 5.26 21.85 3.78
C THR A 453 4.64 21.53 2.42
N LEU A 454 4.30 22.55 1.61
CA LEU A 454 3.91 22.09 0.31
C LEU A 454 4.57 22.69 -0.90
N PRO A 455 5.11 21.80 -1.75
CA PRO A 455 5.08 22.15 -3.18
C PRO A 455 3.60 22.23 -3.63
N ALA A 456 3.32 23.23 -4.47
CA ALA A 456 1.97 23.56 -4.91
C ALA A 456 1.22 22.31 -5.37
N ASP A 457 1.95 21.41 -6.03
CA ASP A 457 1.42 20.15 -6.58
C ASP A 457 0.96 19.12 -5.55
N GLN A 458 1.72 19.02 -4.46
CA GLN A 458 1.68 17.86 -3.57
C GLN A 458 0.68 17.92 -2.42
N LYS A 459 -0.20 18.99 -2.37
CA LYS A 459 -1.06 19.22 -1.22
C LYS A 459 -2.01 18.04 -0.92
N PRO A 460 -2.09 17.70 0.34
CA PRO A 460 -2.92 16.63 0.88
C PRO A 460 -4.37 17.09 0.89
N GLU A 461 -5.08 16.84 -0.21
CA GLU A 461 -6.50 17.17 -0.30
C GLU A 461 -7.31 16.42 0.77
N CYS A 462 -8.20 17.12 1.47
CA CYS A 462 -9.09 16.44 2.39
C CYS A 462 -10.44 16.28 1.73
N ARG A 463 -10.66 15.12 1.12
CA ARG A 463 -11.82 14.92 0.29
C ARG A 463 -12.42 13.53 0.59
N PRO A 464 -13.76 13.45 0.68
CA PRO A 464 -14.71 14.57 0.56
C PRO A 464 -14.77 15.50 1.80
N TYR A 465 -15.13 16.75 1.56
CA TYR A 465 -15.23 17.76 2.62
C TYR A 465 -16.19 18.89 2.22
N TRP A 466 -17.05 19.23 3.19
CA TRP A 466 -18.14 20.20 3.03
C TRP A 466 -18.45 20.69 4.44
N GLU A 467 -19.12 21.82 4.59
CA GLU A 467 -19.58 22.23 5.92
C GLU A 467 -21.01 22.78 5.89
N LYS A 468 -21.53 23.10 7.08
CA LYS A 468 -22.94 23.40 7.32
C LYS A 468 -23.62 24.18 6.21
N ASP A 469 -22.98 25.24 5.73
CA ASP A 469 -23.51 26.09 4.66
C ASP A 469 -23.75 25.33 3.34
N ASP A 470 -23.61 24.02 3.39
CA ASP A 470 -23.70 23.19 2.19
C ASP A 470 -24.97 22.35 2.21
N ALA A 471 -26.00 22.87 1.56
CA ALA A 471 -27.25 22.16 1.45
C ALA A 471 -27.24 21.22 0.25
N SER A 472 -26.06 20.85 -0.21
CA SER A 472 -25.95 19.79 -1.21
C SER A 472 -25.64 18.47 -0.51
N MET A 473 -25.33 18.55 0.78
CA MET A 473 -25.10 17.35 1.55
C MET A 473 -26.20 17.18 2.57
N PRO A 474 -26.73 15.97 2.69
CA PRO A 474 -27.83 15.70 3.62
C PRO A 474 -27.37 15.67 5.08
N LEU A 475 -26.07 15.57 5.30
CA LEU A 475 -25.58 15.41 6.66
C LEU A 475 -24.37 16.30 6.94
N PRO A 476 -24.16 16.64 8.22
CA PRO A 476 -22.98 17.42 8.60
C PRO A 476 -21.72 16.57 8.49
N PHE A 477 -20.58 17.22 8.29
CA PHE A 477 -19.30 16.51 8.31
C PHE A 477 -18.96 16.07 9.73
N ASP A 478 -19.35 16.85 10.74
CA ASP A 478 -19.13 16.45 12.12
C ASP A 478 -20.38 15.77 12.69
N LEU A 479 -20.23 14.55 13.20
CA LEU A 479 -21.39 13.78 13.62
C LEU A 479 -21.48 13.67 15.12
N THR A 480 -20.72 14.50 15.84
CA THR A 480 -20.64 14.36 17.28
C THR A 480 -21.97 14.69 17.92
N ASP A 481 -22.68 15.66 17.34
CA ASP A 481 -24.03 16.00 17.78
C ASP A 481 -24.91 14.77 17.69
N ILE A 482 -24.81 14.11 16.54
CA ILE A 482 -25.61 12.94 16.25
C ILE A 482 -25.20 11.74 17.12
N VAL A 483 -23.91 11.47 17.22
CA VAL A 483 -23.43 10.30 17.96
C VAL A 483 -23.70 10.47 19.46
N SER A 484 -23.71 11.72 19.91
CA SER A 484 -24.10 12.03 21.28
C SER A 484 -25.55 11.63 21.50
N GLU A 485 -26.42 12.34 20.78
CA GLU A 485 -27.86 12.15 20.84
C GLU A 485 -28.28 10.69 20.77
N LEU A 486 -27.62 9.94 19.89
CA LEU A 486 -27.97 8.54 19.69
C LEU A 486 -27.57 7.68 20.89
N ARG A 487 -26.53 8.10 21.60
CA ARG A 487 -26.02 7.30 22.71
C ARG A 487 -26.81 7.56 23.99
N GLY A 488 -27.31 8.79 24.14
CA GLY A 488 -28.16 9.13 25.27
C GLY A 488 -29.47 8.37 25.21
N GLN A 489 -29.95 8.15 24.00
CA GLN A 489 -31.19 7.40 23.79
C GLN A 489 -31.02 5.94 24.18
N LEU A 490 -29.80 5.42 24.07
CA LEU A 490 -29.58 4.01 24.33
C LEU A 490 -29.41 3.69 25.82
N LEU A 491 -29.24 4.73 26.63
CA LEU A 491 -29.07 4.57 28.07
C LEU A 491 -30.29 5.08 28.84
N GLU A 492 -31.33 5.44 28.10
CA GLU A 492 -32.57 5.94 28.70
C GLU A 492 -33.13 4.94 29.70
OAA DGR B . 14.97 -1.57 -2.25
CAN DGR B . 15.11 -2.72 -1.87
OAD DGR B . 15.94 -3.56 -2.19
CAE DGR B . 14.05 -3.21 -0.80
CAF DGR B . 13.36 -2.16 -0.01
CAO DGR B . 12.41 -2.74 1.01
OAB DGR B . 12.75 -3.54 1.83
NAL DGR B . 11.05 -2.37 0.94
NAM DGR B . 10.01 -2.79 1.78
CAP DGR B . 9.20 -1.76 2.34
OAC DGR B . 9.42 -0.60 2.14
CAQ DGR B . 8.04 -2.07 3.27
CAI DGR B . 7.97 -1.51 4.53
CAG DGR B . 6.89 -1.80 5.38
CAH DGR B . 5.87 -2.65 4.92
NAK DGR B . 5.88 -3.20 3.68
CAJ DGR B . 6.95 -2.91 2.89
NI NI C . 11.00 -4.49 2.33
NI NI D . 9.70 -1.34 -1.41
#